data_1EXW
#
_entry.id   1EXW
#
_cell.length_a   69.060
_cell.length_b   69.060
_cell.length_c   128.030
_cell.angle_alpha   90.00
_cell.angle_beta   90.00
_cell.angle_gamma   90.00
#
_symmetry.space_group_name_H-M   'P 41 2 2'
#
loop_
_entity.id
_entity.type
_entity.pdbx_description
1 polymer 'PALMITOYL PROTEIN THIOESTERASE 1'
2 branched 2-acetamido-2-deoxy-beta-D-glucopyranose-(1-4)-2-acetamido-2-deoxy-beta-D-glucopyranose
3 non-polymer 2-acetamido-2-deoxy-beta-D-glucopyranose
4 non-polymer '1-HEXADECANOSULFONIC ACID'
5 water water
#
_entity_poly.entity_id   1
_entity_poly.type   'polypeptide(L)'
_entity_poly.pdbx_seq_one_letter_code
;DPPAPLPLVIWHGMGDSCCNPLSMGAIKKMVEKKIPGIHVLSLEIGKTLREDVENSFFLNVNSQVTTVCQILAKDPKLQQ
GYNAMGFSQGGQFLRAVAQRCPSPPMVNLISVGGQHQGVFGLPRCPGESSHICDFIRKTLNAGAYNKAIQERLVQAEYWH
DPIREDIYRNHSIFLADINQERGVNESYKKNLMALKKFVMVKFLNDTIVDPVDSEWFGFYRSGQAKETIPLQESTLYTQD
RLGLKAMDKAGQLVFLALEGDHLQLSEEWFYAHIIPFLE
;
_entity_poly.pdbx_strand_id   A
#
loop_
_chem_comp.id
_chem_comp.type
_chem_comp.name
_chem_comp.formula
HDS non-polymer '1-HEXADECANOSULFONIC ACID' 'C16 H34 O3 S'
NAG D-saccharide, beta linking 2-acetamido-2-deoxy-beta-D-glucopyranose 'C8 H15 N O6'
#
# COMPACT_ATOMS: atom_id res chain seq x y z
N ASP A 1 -0.04 24.86 18.57
CA ASP A 1 0.07 23.74 19.55
C ASP A 1 -0.12 22.41 18.83
N PRO A 2 0.66 21.42 19.26
CA PRO A 2 0.66 20.07 18.72
C PRO A 2 -0.70 19.54 18.30
N PRO A 3 -1.79 19.95 18.98
CA PRO A 3 -3.06 19.38 18.54
C PRO A 3 -3.27 19.60 17.04
N ALA A 4 -3.08 20.87 16.70
CA ALA A 4 -3.25 21.44 15.33
C ALA A 4 -2.42 20.64 14.32
N PRO A 5 -1.09 20.56 14.52
CA PRO A 5 -0.25 19.77 13.62
C PRO A 5 -0.41 18.27 13.79
N LEU A 6 -0.81 17.47 12.80
CA LEU A 6 -0.75 16.05 13.11
C LEU A 6 0.46 15.57 12.31
N PRO A 7 1.44 14.95 12.99
CA PRO A 7 2.63 14.46 12.29
C PRO A 7 2.31 13.56 11.09
N LEU A 8 3.12 13.66 10.05
CA LEU A 8 2.92 12.83 8.86
C LEU A 8 4.10 11.91 8.65
N VAL A 9 3.80 10.65 8.35
CA VAL A 9 4.83 9.64 8.08
C VAL A 9 4.70 9.20 6.63
N ILE A 10 5.81 9.21 5.91
CA ILE A 10 5.81 8.83 4.50
C ILE A 10 6.62 7.58 4.24
N TRP A 11 6.13 6.73 3.34
CA TRP A 11 6.85 5.53 2.95
C TRP A 11 6.80 5.49 1.42
N HIS A 12 7.96 5.67 0.80
CA HIS A 12 8.13 5.71 -0.65
C HIS A 12 7.86 4.40 -1.37
N GLY A 13 7.74 4.49 -2.69
CA GLY A 13 7.49 3.31 -3.50
C GLY A 13 8.77 2.62 -3.94
N MET A 14 8.64 1.60 -4.77
CA MET A 14 9.81 0.87 -5.24
C MET A 14 10.71 1.77 -6.09
N GLY A 15 12.01 1.57 -5.95
CA GLY A 15 12.98 2.33 -6.74
C GLY A 15 13.20 3.76 -6.31
N ASP A 16 12.49 4.18 -5.28
CA ASP A 16 12.63 5.54 -4.78
C ASP A 16 13.30 5.51 -3.41
N SER A 17 13.62 6.68 -2.88
CA SER A 17 14.25 6.77 -1.57
C SER A 17 13.41 7.69 -0.69
N CYS A 18 13.87 7.88 0.54
CA CYS A 18 13.20 8.71 1.54
C CYS A 18 13.40 10.16 1.30
N CYS A 19 14.60 10.49 0.77
CA CYS A 19 14.90 11.89 0.68
C CYS A 19 15.45 12.47 -0.63
N ASN A 20 14.82 12.17 -1.76
CA ASN A 20 15.26 12.74 -3.03
C ASN A 20 14.45 14.01 -3.31
N PRO A 21 15.13 15.15 -3.52
CA PRO A 21 14.52 16.46 -3.79
C PRO A 21 13.45 16.47 -4.86
N LEU A 22 13.54 15.55 -5.83
CA LEU A 22 12.57 15.51 -6.92
C LEU A 22 11.35 14.62 -6.68
N SER A 23 11.32 13.86 -5.57
CA SER A 23 10.19 12.96 -5.31
C SER A 23 9.56 12.94 -3.91
N MET A 24 10.18 12.29 -2.92
CA MET A 24 9.58 12.30 -1.58
C MET A 24 9.79 13.67 -1.01
N GLY A 25 11.06 14.09 -1.06
CA GLY A 25 11.49 15.39 -0.58
C GLY A 25 10.60 16.50 -1.09
N ALA A 26 10.08 16.34 -2.31
CA ALA A 26 9.21 17.34 -2.90
C ALA A 26 7.82 17.33 -2.25
N ILE A 27 7.34 16.15 -1.84
CA ILE A 27 6.04 16.08 -1.20
C ILE A 27 6.24 16.65 0.22
N LYS A 28 7.38 16.32 0.80
CA LYS A 28 7.71 16.77 2.14
C LYS A 28 7.66 18.30 2.25
N LYS A 29 8.14 18.98 1.21
CA LYS A 29 8.14 20.44 1.21
C LYS A 29 6.76 20.99 0.92
N MET A 30 6.03 20.38 -0.02
CA MET A 30 4.68 20.82 -0.36
C MET A 30 3.78 20.77 0.89
N VAL A 31 3.90 19.68 1.65
CA VAL A 31 3.12 19.50 2.86
C VAL A 31 3.52 20.55 3.89
N GLU A 32 4.82 20.85 3.94
CA GLU A 32 5.30 21.83 4.89
C GLU A 32 4.89 23.24 4.44
N LYS A 33 4.62 23.40 3.16
CA LYS A 33 4.19 24.70 2.72
C LYS A 33 2.84 25.09 3.33
N LYS A 34 1.81 24.20 3.30
CA LYS A 34 0.47 24.59 3.68
C LYS A 34 0.16 24.18 5.12
N ILE A 35 0.92 23.36 5.81
CA ILE A 35 0.51 22.92 7.15
C ILE A 35 1.43 23.48 8.23
N PRO A 36 1.55 24.81 8.34
CA PRO A 36 2.63 25.32 9.19
C PRO A 36 2.97 24.54 10.41
N GLY A 37 4.27 24.27 10.56
CA GLY A 37 4.70 23.57 11.74
C GLY A 37 4.66 22.07 11.74
N ILE A 38 3.95 21.44 10.82
CA ILE A 38 3.90 19.98 10.78
C ILE A 38 5.25 19.25 10.76
N HIS A 39 5.38 18.23 11.61
CA HIS A 39 6.57 17.40 11.62
C HIS A 39 6.46 16.20 10.70
N VAL A 40 7.24 16.19 9.63
CA VAL A 40 7.21 15.12 8.66
C VAL A 40 8.38 14.14 8.79
N LEU A 41 8.08 12.85 8.76
CA LEU A 41 9.09 11.81 8.86
C LEU A 41 9.05 10.91 7.64
N SER A 42 10.05 11.03 6.76
CA SER A 42 10.10 10.21 5.56
C SER A 42 10.98 9.03 5.85
N LEU A 43 10.37 7.87 5.98
CA LEU A 43 11.04 6.62 6.30
C LEU A 43 12.20 6.23 5.38
N GLU A 44 13.27 5.76 6.00
CA GLU A 44 14.44 5.29 5.28
C GLU A 44 14.83 3.92 5.80
N ILE A 45 14.63 2.91 4.95
CA ILE A 45 14.94 1.54 5.29
C ILE A 45 16.40 1.26 4.91
N GLY A 46 17.28 1.28 5.90
CA GLY A 46 18.69 1.05 5.65
C GLY A 46 19.50 2.27 6.07
N LYS A 47 20.81 2.09 6.21
CA LYS A 47 21.68 3.19 6.62
C LYS A 47 21.91 4.26 5.57
N THR A 48 21.95 3.88 4.29
CA THR A 48 22.18 4.87 3.25
C THR A 48 21.02 4.89 2.27
N LEU A 49 20.98 5.89 1.40
CA LEU A 49 19.92 6.01 0.40
C LEU A 49 20.20 5.00 -0.70
N ARG A 50 21.34 4.33 -0.58
CA ARG A 50 21.75 3.33 -1.54
C ARG A 50 21.10 2.00 -1.12
N GLU A 51 21.07 1.75 0.18
CA GLU A 51 20.46 0.54 0.72
C GLU A 51 18.95 0.71 0.70
N ASP A 52 18.51 1.97 0.73
CA ASP A 52 17.09 2.27 0.71
C ASP A 52 16.46 1.85 -0.62
N VAL A 53 17.04 2.31 -1.72
CA VAL A 53 16.54 1.96 -3.05
C VAL A 53 16.63 0.45 -3.27
N GLU A 54 17.77 -0.10 -2.90
CA GLU A 54 18.05 -1.52 -3.04
C GLU A 54 17.06 -2.37 -2.22
N ASN A 55 16.72 -1.89 -1.03
CA ASN A 55 15.79 -2.59 -0.16
C ASN A 55 14.35 -2.54 -0.65
N SER A 56 14.03 -1.55 -1.46
CA SER A 56 12.67 -1.46 -1.97
C SER A 56 12.41 -2.60 -2.94
N PHE A 57 13.48 -3.31 -3.32
CA PHE A 57 13.38 -4.44 -4.25
C PHE A 57 13.82 -5.77 -3.64
N PHE A 58 14.80 -5.74 -2.74
CA PHE A 58 15.37 -6.96 -2.19
C PHE A 58 15.31 -7.27 -0.71
N LEU A 59 14.57 -6.50 0.07
CA LEU A 59 14.50 -6.76 1.50
C LEU A 59 13.11 -7.21 1.93
N ASN A 60 13.03 -8.42 2.48
CA ASN A 60 11.78 -9.02 2.98
C ASN A 60 10.86 -7.96 3.61
N VAL A 61 9.68 -7.76 3.03
CA VAL A 61 8.74 -6.77 3.52
C VAL A 61 8.39 -6.90 4.99
N ASN A 62 8.17 -8.14 5.43
CA ASN A 62 7.85 -8.39 6.83
C ASN A 62 8.96 -7.82 7.71
N SER A 63 10.21 -7.98 7.26
CA SER A 63 11.35 -7.48 7.99
C SER A 63 11.39 -5.95 7.98
N GLN A 64 10.92 -5.33 6.90
CA GLN A 64 10.89 -3.88 6.80
C GLN A 64 9.86 -3.28 7.74
N VAL A 65 8.70 -3.95 7.83
CA VAL A 65 7.62 -3.50 8.69
C VAL A 65 8.02 -3.53 10.15
N THR A 66 8.79 -4.55 10.53
CA THR A 66 9.23 -4.66 11.92
C THR A 66 10.17 -3.50 12.21
N THR A 67 11.04 -3.22 11.25
CA THR A 67 12.00 -2.12 11.37
C THR A 67 11.30 -0.76 11.48
N VAL A 68 10.35 -0.48 10.60
CA VAL A 68 9.65 0.81 10.68
C VAL A 68 8.81 0.91 11.96
N CYS A 69 8.26 -0.21 12.42
CA CYS A 69 7.46 -0.19 13.65
C CYS A 69 8.38 0.25 14.80
N GLN A 70 9.62 -0.22 14.80
CA GLN A 70 10.58 0.17 15.84
C GLN A 70 10.91 1.64 15.74
N ILE A 71 11.00 2.14 14.52
CA ILE A 71 11.33 3.55 14.29
C ILE A 71 10.23 4.49 14.79
N LEU A 72 8.98 4.18 14.48
CA LEU A 72 7.86 5.01 14.90
C LEU A 72 7.74 5.02 16.42
N ALA A 73 8.12 3.91 17.05
CA ALA A 73 8.08 3.78 18.50
C ALA A 73 9.07 4.71 19.19
N LYS A 74 10.26 4.82 18.62
CA LYS A 74 11.32 5.66 19.18
C LYS A 74 11.16 7.15 18.89
N ASP A 75 10.12 7.53 18.17
CA ASP A 75 9.92 8.94 17.89
C ASP A 75 8.83 9.46 18.81
N PRO A 76 9.18 10.40 19.70
CA PRO A 76 8.24 11.00 20.66
C PRO A 76 7.11 11.82 20.03
N LYS A 77 7.42 12.60 19.00
CA LYS A 77 6.41 13.42 18.36
C LYS A 77 5.25 12.62 17.74
N LEU A 78 5.37 11.30 17.71
CA LEU A 78 4.34 10.45 17.13
C LEU A 78 3.40 9.78 18.13
N GLN A 79 3.87 9.64 19.37
CA GLN A 79 3.13 8.96 20.42
C GLN A 79 1.68 9.35 20.68
N GLN A 80 1.24 10.46 20.12
CA GLN A 80 -0.14 10.90 20.35
C GLN A 80 -1.00 10.78 19.09
N GLY A 81 -0.48 10.07 18.09
CA GLY A 81 -1.22 9.90 16.85
C GLY A 81 -0.43 10.43 15.66
N TYR A 82 -0.64 9.83 14.50
CA TYR A 82 0.09 10.26 13.31
C TYR A 82 -0.56 9.79 12.03
N ASN A 83 -0.59 10.69 11.06
CA ASN A 83 -1.13 10.36 9.75
C ASN A 83 0.00 9.73 8.93
N ALA A 84 -0.35 8.94 7.92
CA ALA A 84 0.65 8.29 7.09
C ALA A 84 0.23 8.32 5.63
N MET A 85 1.22 8.43 4.75
CA MET A 85 0.98 8.48 3.32
C MET A 85 1.98 7.59 2.61
N GLY A 86 1.45 6.61 1.88
CA GLY A 86 2.30 5.66 1.16
C GLY A 86 2.15 5.79 -0.33
N PHE A 87 3.28 5.84 -1.02
CA PHE A 87 3.31 5.96 -2.46
C PHE A 87 3.60 4.61 -3.09
N SER A 88 2.69 4.17 -3.93
CA SER A 88 2.83 2.88 -4.59
C SER A 88 2.84 1.74 -3.56
N GLN A 89 3.81 0.83 -3.64
CA GLN A 89 3.86 -0.28 -2.70
C GLN A 89 3.95 0.23 -1.27
N GLY A 90 4.33 1.49 -1.12
CA GLY A 90 4.41 2.07 0.21
C GLY A 90 3.03 2.10 0.85
N GLY A 91 1.99 2.06 0.02
CA GLY A 91 0.63 2.05 0.53
C GLY A 91 0.25 0.79 1.29
N GLN A 92 0.59 -0.38 0.75
CA GLN A 92 0.23 -1.62 1.44
C GLN A 92 1.19 -1.90 2.61
N PHE A 93 2.43 -1.40 2.50
CA PHE A 93 3.42 -1.61 3.58
C PHE A 93 2.98 -0.85 4.82
N LEU A 94 2.44 0.34 4.59
CA LEU A 94 1.99 1.21 5.66
C LEU A 94 0.70 0.70 6.27
N ARG A 95 -0.08 -0.02 5.47
CA ARG A 95 -1.32 -0.60 5.94
C ARG A 95 -0.94 -1.80 6.83
N ALA A 96 0.14 -2.48 6.47
CA ALA A 96 0.59 -3.60 7.28
C ALA A 96 0.96 -3.03 8.66
N VAL A 97 1.69 -1.91 8.63
CA VAL A 97 2.10 -1.23 9.86
C VAL A 97 0.89 -0.98 10.75
N ALA A 98 -0.18 -0.48 10.14
CA ALA A 98 -1.41 -0.17 10.86
C ALA A 98 -2.04 -1.41 11.48
N GLN A 99 -2.01 -2.52 10.75
CA GLN A 99 -2.61 -3.75 11.22
C GLN A 99 -1.75 -4.50 12.23
N ARG A 100 -0.43 -4.36 12.15
CA ARG A 100 0.47 -5.08 13.05
C ARG A 100 0.96 -4.34 14.30
N CYS A 101 1.28 -3.06 14.18
CA CYS A 101 1.74 -2.34 15.36
C CYS A 101 0.90 -1.07 15.61
N PRO A 102 -0.12 -1.18 16.48
CA PRO A 102 -1.09 -0.16 16.91
C PRO A 102 -0.60 0.98 17.80
N SER A 103 0.68 0.94 18.17
CA SER A 103 1.27 2.00 19.01
C SER A 103 2.64 2.38 18.43
N PRO A 104 2.85 3.66 18.10
CA PRO A 104 1.93 4.78 18.23
C PRO A 104 0.71 4.57 17.34
N PRO A 105 -0.43 5.18 17.68
CA PRO A 105 -1.65 5.02 16.88
C PRO A 105 -1.69 5.82 15.58
N MET A 106 -1.91 5.12 14.47
CA MET A 106 -2.01 5.75 13.16
C MET A 106 -3.43 6.31 13.05
N VAL A 107 -3.56 7.53 12.52
CA VAL A 107 -4.86 8.19 12.37
C VAL A 107 -5.47 8.05 10.97
N ASN A 108 -4.96 8.83 10.04
CA ASN A 108 -5.41 8.75 8.65
C ASN A 108 -4.34 8.07 7.82
N LEU A 109 -4.77 7.22 6.91
CA LEU A 109 -3.87 6.49 6.04
C LEU A 109 -4.17 6.86 4.59
N ILE A 110 -3.21 7.49 3.92
CA ILE A 110 -3.39 7.87 2.52
C ILE A 110 -2.64 6.95 1.57
N SER A 111 -3.39 6.19 0.79
CA SER A 111 -2.83 5.26 -0.18
C SER A 111 -2.83 5.87 -1.58
N VAL A 112 -1.66 6.29 -2.04
CA VAL A 112 -1.52 6.89 -3.37
C VAL A 112 -1.03 5.85 -4.38
N GLY A 113 -1.98 5.19 -5.03
CA GLY A 113 -1.64 4.17 -6.02
C GLY A 113 -1.11 2.87 -5.40
N GLY A 114 -1.63 2.50 -4.23
CA GLY A 114 -1.18 1.27 -3.59
C GLY A 114 -1.82 0.04 -4.18
N GLN A 115 -1.24 -1.13 -3.91
CA GLN A 115 -1.77 -2.38 -4.44
C GLN A 115 -2.26 -3.26 -3.29
N HIS A 116 -3.48 -3.03 -2.80
CA HIS A 116 -4.02 -3.70 -1.63
C HIS A 116 -4.38 -5.15 -1.97
N GLN A 117 -4.54 -5.53 -3.19
CA GLN A 117 -4.83 -6.92 -3.54
C GLN A 117 -3.66 -7.44 -4.39
N GLY A 118 -2.54 -6.72 -4.31
CA GLY A 118 -1.33 -7.09 -5.04
C GLY A 118 -1.42 -6.85 -6.52
N VAL A 119 -0.67 -7.63 -7.30
CA VAL A 119 -0.70 -7.50 -8.75
C VAL A 119 -0.57 -8.84 -9.48
N PHE A 120 -1.02 -8.86 -10.73
CA PHE A 120 -0.90 -10.06 -11.57
C PHE A 120 -0.77 -9.60 -13.03
N GLY A 121 0.41 -9.10 -13.36
CA GLY A 121 0.69 -8.63 -14.70
C GLY A 121 1.92 -7.74 -14.65
N LEU A 122 2.60 -7.61 -15.79
CA LEU A 122 3.80 -6.79 -15.85
C LEU A 122 3.46 -5.39 -16.33
N PRO A 123 4.25 -4.40 -15.91
CA PRO A 123 4.03 -3.02 -16.32
C PRO A 123 4.04 -2.86 -17.84
N ARG A 124 3.02 -2.19 -18.38
CA ARG A 124 2.89 -1.95 -19.82
C ARG A 124 2.74 -3.21 -20.66
N CYS A 125 2.32 -4.30 -20.03
CA CYS A 125 2.14 -5.56 -20.73
C CYS A 125 0.72 -6.09 -20.60
N PRO A 126 -0.28 -5.36 -21.14
CA PRO A 126 -1.69 -5.76 -21.08
C PRO A 126 -1.93 -7.12 -21.74
N GLY A 127 -2.51 -8.05 -20.99
CA GLY A 127 -2.74 -9.38 -21.53
C GLY A 127 -3.95 -9.59 -22.43
N GLU A 128 -4.83 -8.59 -22.52
CA GLU A 128 -6.02 -8.71 -23.36
C GLU A 128 -5.70 -9.23 -24.76
N SER A 129 -4.93 -8.46 -25.52
CA SER A 129 -4.59 -8.88 -26.87
C SER A 129 -3.13 -9.24 -27.08
N SER A 130 -2.48 -9.80 -26.05
CA SER A 130 -1.07 -10.18 -26.17
C SER A 130 -0.83 -11.53 -25.55
N HIS A 131 -0.46 -12.49 -26.39
CA HIS A 131 -0.20 -13.84 -25.91
C HIS A 131 1.06 -13.93 -25.04
N ILE A 132 2.11 -13.19 -25.40
CA ILE A 132 3.37 -13.23 -24.66
C ILE A 132 3.27 -12.64 -23.27
N CYS A 133 2.56 -11.52 -23.15
CA CYS A 133 2.38 -10.87 -21.86
C CYS A 133 1.61 -11.78 -20.93
N ASP A 134 0.58 -12.42 -21.47
CA ASP A 134 -0.25 -13.31 -20.69
C ASP A 134 0.55 -14.54 -20.26
N PHE A 135 1.30 -15.10 -21.20
CA PHE A 135 2.12 -16.28 -20.93
C PHE A 135 3.01 -16.06 -19.71
N ILE A 136 3.83 -15.03 -19.77
CA ILE A 136 4.73 -14.69 -18.67
C ILE A 136 4.09 -14.71 -17.27
N ARG A 137 3.25 -13.71 -17.00
CA ARG A 137 2.63 -13.62 -15.71
C ARG A 137 2.13 -14.94 -15.16
N LYS A 138 1.45 -15.71 -16.02
CA LYS A 138 0.90 -17.00 -15.61
C LYS A 138 1.99 -18.02 -15.27
N THR A 139 3.07 -17.98 -16.05
CA THR A 139 4.18 -18.88 -15.86
C THR A 139 5.09 -18.50 -14.70
N LEU A 140 5.03 -17.25 -14.27
CA LEU A 140 5.89 -16.80 -13.19
C LEU A 140 5.39 -17.27 -11.82
N ASN A 141 4.31 -18.04 -11.82
CA ASN A 141 3.76 -18.56 -10.57
C ASN A 141 4.79 -19.36 -9.78
N ALA A 142 5.29 -20.45 -10.36
CA ALA A 142 6.28 -21.28 -9.67
C ALA A 142 7.45 -20.42 -9.21
N GLY A 143 7.84 -19.46 -10.04
CA GLY A 143 8.94 -18.60 -9.65
C GLY A 143 8.56 -17.77 -8.43
N ALA A 144 7.55 -16.92 -8.59
CA ALA A 144 7.08 -16.05 -7.52
C ALA A 144 6.76 -16.76 -6.21
N TYR A 145 6.25 -17.99 -6.27
CA TYR A 145 5.84 -18.65 -5.04
C TYR A 145 6.91 -19.62 -4.56
N ASN A 146 8.11 -19.58 -5.09
CA ASN A 146 9.19 -20.42 -4.62
C ASN A 146 9.62 -19.82 -3.28
N LYS A 147 9.84 -20.68 -2.29
CA LYS A 147 10.23 -20.27 -0.94
C LYS A 147 11.37 -19.26 -0.86
N ALA A 148 12.47 -19.55 -1.57
CA ALA A 148 13.64 -18.66 -1.57
C ALA A 148 13.39 -17.31 -2.23
N ILE A 149 12.72 -17.31 -3.39
CA ILE A 149 12.40 -16.08 -4.12
C ILE A 149 11.40 -15.24 -3.32
N GLN A 150 10.40 -15.93 -2.77
CA GLN A 150 9.35 -15.30 -2.00
C GLN A 150 9.84 -14.59 -0.73
N GLU A 151 11.12 -14.73 -0.41
CA GLU A 151 11.68 -14.08 0.76
C GLU A 151 12.76 -13.06 0.44
N ARG A 152 13.31 -13.13 -0.77
CA ARG A 152 14.36 -12.20 -1.17
C ARG A 152 13.90 -11.18 -2.20
N LEU A 153 12.64 -11.27 -2.59
CA LEU A 153 12.08 -10.35 -3.57
C LEU A 153 10.81 -9.65 -3.09
N VAL A 154 10.86 -8.32 -2.97
CA VAL A 154 9.74 -7.53 -2.50
C VAL A 154 8.47 -7.68 -3.33
N GLN A 155 8.57 -7.42 -4.64
CA GLN A 155 7.42 -7.50 -5.53
C GLN A 155 6.77 -8.90 -5.55
N ALA A 156 7.56 -9.95 -5.32
CA ALA A 156 7.00 -11.29 -5.32
C ALA A 156 6.04 -11.47 -4.13
N GLU A 157 6.33 -10.73 -3.06
CA GLU A 157 5.56 -10.80 -1.82
C GLU A 157 4.16 -10.19 -1.89
N TYR A 158 3.82 -9.60 -3.03
CA TYR A 158 2.47 -9.09 -3.21
C TYR A 158 1.96 -9.43 -4.60
N TRP A 159 2.56 -10.46 -5.19
CA TRP A 159 2.16 -10.96 -6.50
C TRP A 159 0.98 -11.86 -6.13
N HIS A 160 -0.16 -11.60 -6.76
CA HIS A 160 -1.40 -12.32 -6.46
C HIS A 160 -1.99 -13.03 -7.67
N ASP A 161 -1.77 -14.34 -7.76
CA ASP A 161 -2.26 -15.15 -8.86
C ASP A 161 -3.71 -15.54 -8.61
N PRO A 162 -4.65 -15.00 -9.41
CA PRO A 162 -6.08 -15.27 -9.29
C PRO A 162 -6.53 -16.64 -9.79
N ILE A 163 -5.81 -17.19 -10.75
CA ILE A 163 -6.12 -18.49 -11.33
C ILE A 163 -5.86 -19.64 -10.36
N ARG A 164 -4.63 -19.71 -9.87
CA ARG A 164 -4.24 -20.74 -8.91
C ARG A 164 -4.13 -20.07 -7.53
N GLU A 165 -5.27 -19.58 -7.04
CA GLU A 165 -5.33 -18.90 -5.76
C GLU A 165 -4.92 -19.71 -4.55
N ASP A 166 -5.10 -21.02 -4.61
CA ASP A 166 -4.72 -21.87 -3.49
C ASP A 166 -3.20 -21.78 -3.23
N ILE A 167 -2.41 -21.75 -4.30
CA ILE A 167 -0.95 -21.65 -4.17
C ILE A 167 -0.56 -20.30 -3.59
N TYR A 168 -1.23 -19.25 -4.05
CA TYR A 168 -0.96 -17.91 -3.54
C TYR A 168 -1.29 -17.84 -2.04
N ARG A 169 -2.41 -18.42 -1.64
CA ARG A 169 -2.78 -18.39 -0.23
C ARG A 169 -1.75 -19.12 0.62
N ASN A 170 -1.27 -20.25 0.11
CA ASN A 170 -0.32 -21.05 0.86
C ASN A 170 1.15 -20.63 0.82
N HIS A 171 1.53 -19.74 -0.11
CA HIS A 171 2.93 -19.35 -0.20
C HIS A 171 3.27 -17.87 -0.04
N SER A 172 2.29 -16.97 -0.15
CA SER A 172 2.56 -15.56 0.00
C SER A 172 2.86 -15.30 1.47
N ILE A 173 4.03 -14.76 1.77
CA ILE A 173 4.39 -14.45 3.15
C ILE A 173 4.00 -13.09 3.64
N PHE A 174 3.59 -12.23 2.73
CA PHE A 174 3.16 -10.89 3.08
C PHE A 174 1.71 -10.59 2.75
N LEU A 175 1.43 -10.24 1.51
CA LEU A 175 0.06 -9.90 1.12
C LEU A 175 -1.02 -10.86 1.66
N ALA A 176 -0.79 -12.17 1.55
CA ALA A 176 -1.77 -13.16 2.01
C ALA A 176 -2.03 -13.04 3.51
N ASP A 177 -0.99 -12.73 4.28
CA ASP A 177 -1.13 -12.58 5.72
C ASP A 177 -1.94 -11.33 6.07
N ILE A 178 -1.53 -10.17 5.57
CA ILE A 178 -2.27 -8.96 5.90
C ILE A 178 -3.63 -8.95 5.25
N ASN A 179 -3.88 -9.83 4.28
CA ASN A 179 -5.20 -9.87 3.64
C ASN A 179 -6.14 -10.96 4.23
N GLN A 180 -5.67 -11.64 5.29
CA GLN A 180 -6.46 -12.66 5.99
C GLN A 180 -6.84 -13.88 5.15
N GLU A 181 -5.98 -14.29 4.21
CA GLU A 181 -6.27 -15.42 3.32
C GLU A 181 -6.26 -16.80 3.95
N ARG A 182 -5.43 -17.02 4.95
CA ARG A 182 -5.39 -18.32 5.61
C ARG A 182 -6.42 -18.33 6.75
N GLY A 183 -6.25 -17.43 7.71
CA GLY A 183 -7.18 -17.35 8.82
C GLY A 183 -7.36 -15.90 9.28
N VAL A 184 -8.54 -15.57 9.78
CA VAL A 184 -8.83 -14.22 10.25
C VAL A 184 -8.07 -13.85 11.52
N ASN A 185 -7.14 -12.91 11.41
CA ASN A 185 -6.39 -12.46 12.56
C ASN A 185 -7.20 -11.37 13.25
N GLU A 186 -7.51 -11.59 14.51
CA GLU A 186 -8.30 -10.65 15.31
C GLU A 186 -7.67 -9.27 15.50
N SER A 187 -6.38 -9.24 15.83
CA SER A 187 -5.73 -7.95 16.04
C SER A 187 -5.69 -7.11 14.75
N TYR A 188 -5.54 -7.78 13.60
CA TYR A 188 -5.51 -7.07 12.32
C TYR A 188 -6.82 -6.33 12.05
N LYS A 189 -7.94 -7.03 12.23
CA LYS A 189 -9.25 -6.44 12.01
C LYS A 189 -9.47 -5.24 12.92
N LYS A 190 -9.25 -5.43 14.21
CA LYS A 190 -9.42 -4.37 15.20
C LYS A 190 -8.47 -3.21 14.98
N ASN A 191 -7.21 -3.52 14.67
CA ASN A 191 -6.24 -2.47 14.45
C ASN A 191 -6.57 -1.62 13.21
N LEU A 192 -7.12 -2.23 12.16
CA LEU A 192 -7.46 -1.49 10.96
C LEU A 192 -8.68 -0.59 11.21
N MET A 193 -9.66 -1.11 11.95
CA MET A 193 -10.86 -0.32 12.23
C MET A 193 -10.57 0.82 13.18
N ALA A 194 -9.46 0.71 13.89
CA ALA A 194 -9.06 1.74 14.82
C ALA A 194 -8.64 3.02 14.09
N LEU A 195 -8.44 2.94 12.78
CA LEU A 195 -8.06 4.10 11.97
C LEU A 195 -9.30 4.97 11.84
N LYS A 196 -9.11 6.25 11.52
CA LYS A 196 -10.24 7.14 11.34
C LYS A 196 -10.61 7.27 9.86
N LYS A 197 -9.62 7.43 8.99
CA LYS A 197 -9.90 7.50 7.57
C LYS A 197 -8.84 6.82 6.73
N PHE A 198 -9.30 5.91 5.89
CA PHE A 198 -8.44 5.16 4.99
C PHE A 198 -8.80 5.63 3.60
N VAL A 199 -7.89 6.42 3.01
CA VAL A 199 -8.09 6.98 1.68
C VAL A 199 -7.30 6.21 0.63
N MET A 200 -8.01 5.74 -0.40
CA MET A 200 -7.38 4.99 -1.48
C MET A 200 -7.41 5.78 -2.78
N VAL A 201 -6.27 6.34 -3.14
CA VAL A 201 -6.14 7.13 -4.38
C VAL A 201 -5.82 6.19 -5.54
N LYS A 202 -6.59 6.30 -6.62
CA LYS A 202 -6.37 5.44 -7.80
C LYS A 202 -6.28 6.18 -9.12
N PHE A 203 -5.19 5.93 -9.84
CA PHE A 203 -4.94 6.56 -11.14
C PHE A 203 -5.63 5.78 -12.23
N LEU A 204 -6.71 6.36 -12.73
CA LEU A 204 -7.53 5.79 -13.78
C LEU A 204 -6.80 5.27 -15.01
N ASN A 205 -5.69 5.90 -15.36
CA ASN A 205 -4.97 5.46 -16.55
C ASN A 205 -3.61 4.86 -16.24
N ASP A 206 -3.56 4.12 -15.12
CA ASP A 206 -2.35 3.45 -14.64
C ASP A 206 -2.02 2.32 -15.60
N THR A 207 -0.76 2.23 -16.01
CA THR A 207 -0.33 1.17 -16.91
C THR A 207 0.74 0.31 -16.23
N ILE A 208 1.12 0.73 -15.04
CA ILE A 208 2.12 0.02 -14.27
C ILE A 208 1.49 -1.04 -13.37
N VAL A 209 0.33 -0.72 -12.77
CA VAL A 209 -0.40 -1.63 -11.85
C VAL A 209 -1.51 -2.42 -12.53
N ASP A 210 -1.32 -3.73 -12.60
CA ASP A 210 -2.28 -4.62 -13.23
C ASP A 210 -2.78 -5.61 -12.19
N PRO A 211 -4.07 -5.53 -11.83
CA PRO A 211 -5.09 -4.61 -12.34
C PRO A 211 -5.21 -3.32 -11.52
N VAL A 212 -5.64 -2.23 -12.17
CA VAL A 212 -5.79 -0.94 -11.51
C VAL A 212 -6.78 -0.95 -10.36
N ASP A 213 -7.70 -1.90 -10.40
CA ASP A 213 -8.71 -2.01 -9.38
C ASP A 213 -8.10 -2.31 -8.01
N SER A 214 -6.88 -2.86 -8.02
CA SER A 214 -6.19 -3.21 -6.78
C SER A 214 -5.92 -1.96 -5.96
N GLU A 215 -5.96 -0.81 -6.61
CA GLU A 215 -5.73 0.45 -5.94
C GLU A 215 -6.92 0.85 -5.05
N TRP A 216 -8.09 0.27 -5.33
CA TRP A 216 -9.29 0.52 -4.55
C TRP A 216 -9.69 -0.80 -3.89
N PHE A 217 -8.70 -1.64 -3.62
CA PHE A 217 -8.91 -2.93 -2.98
C PHE A 217 -9.76 -3.92 -3.78
N GLY A 218 -9.76 -3.77 -5.11
CA GLY A 218 -10.50 -4.68 -5.98
C GLY A 218 -9.49 -5.62 -6.64
N PHE A 219 -9.94 -6.51 -7.52
CA PHE A 219 -9.02 -7.44 -8.17
C PHE A 219 -9.74 -8.35 -9.17
N TYR A 220 -8.94 -9.08 -9.97
CA TYR A 220 -9.47 -10.02 -10.95
C TYR A 220 -10.35 -11.02 -10.20
N ARG A 221 -11.49 -11.36 -10.77
CA ARG A 221 -12.40 -12.32 -10.14
C ARG A 221 -11.69 -13.67 -10.13
N SER A 222 -11.79 -14.39 -9.02
CA SER A 222 -11.14 -15.70 -8.88
C SER A 222 -11.41 -16.70 -10.01
N GLY A 223 -10.36 -17.44 -10.39
CA GLY A 223 -10.47 -18.43 -11.44
C GLY A 223 -10.00 -17.97 -12.81
N GLN A 224 -9.83 -16.66 -12.99
CA GLN A 224 -9.40 -16.14 -14.27
C GLN A 224 -8.70 -14.77 -14.14
N ALA A 225 -8.18 -14.25 -15.24
CA ALA A 225 -7.46 -12.98 -15.20
C ALA A 225 -7.86 -11.96 -16.28
N LYS A 226 -9.16 -11.86 -16.52
CA LYS A 226 -9.71 -10.94 -17.51
C LYS A 226 -10.66 -9.94 -16.83
N GLU A 227 -11.69 -10.46 -16.17
CA GLU A 227 -12.64 -9.59 -15.49
C GLU A 227 -12.26 -9.32 -14.03
N THR A 228 -12.58 -8.12 -13.57
CA THR A 228 -12.30 -7.74 -12.18
C THR A 228 -13.59 -7.34 -11.46
N ILE A 229 -13.60 -7.50 -10.14
CA ILE A 229 -14.74 -7.13 -9.32
C ILE A 229 -14.30 -6.15 -8.23
N PRO A 230 -15.22 -5.28 -7.75
CA PRO A 230 -14.89 -4.30 -6.71
C PRO A 230 -14.79 -4.93 -5.32
N LEU A 231 -14.16 -4.21 -4.41
CA LEU A 231 -13.99 -4.66 -3.02
C LEU A 231 -15.32 -5.12 -2.41
N GLN A 232 -16.30 -4.23 -2.45
CA GLN A 232 -17.63 -4.48 -1.90
C GLN A 232 -18.22 -5.82 -2.33
N GLU A 233 -17.76 -6.34 -3.47
CA GLU A 233 -18.24 -7.60 -4.02
C GLU A 233 -17.42 -8.84 -3.67
N SER A 234 -16.24 -8.65 -3.10
CA SER A 234 -15.36 -9.77 -2.73
C SER A 234 -15.72 -10.36 -1.37
N THR A 235 -15.32 -11.61 -1.14
CA THR A 235 -15.63 -12.28 0.12
C THR A 235 -14.85 -11.71 1.30
N LEU A 236 -13.80 -10.95 1.02
CA LEU A 236 -13.03 -10.31 2.08
C LEU A 236 -13.97 -9.27 2.71
N TYR A 237 -14.72 -8.59 1.86
CA TYR A 237 -15.67 -7.57 2.28
C TYR A 237 -16.92 -8.26 2.84
N THR A 238 -17.45 -9.20 2.05
CA THR A 238 -18.64 -9.96 2.41
C THR A 238 -18.61 -10.59 3.79
N GLN A 239 -17.52 -11.27 4.11
CA GLN A 239 -17.39 -11.87 5.42
C GLN A 239 -16.74 -10.83 6.34
N ASP A 240 -16.32 -9.71 5.77
CA ASP A 240 -15.75 -8.63 6.55
C ASP A 240 -14.60 -9.09 7.45
N ARG A 241 -13.65 -9.80 6.85
CA ARG A 241 -12.50 -10.33 7.60
C ARG A 241 -11.47 -9.31 8.08
N LEU A 242 -11.58 -8.07 7.60
CA LEU A 242 -10.65 -7.01 7.99
C LEU A 242 -11.37 -5.82 8.64
N GLY A 243 -12.70 -5.87 8.64
CA GLY A 243 -13.47 -4.78 9.20
C GLY A 243 -13.69 -3.69 8.19
N LEU A 244 -13.40 -4.03 6.93
CA LEU A 244 -13.54 -3.10 5.81
C LEU A 244 -14.99 -2.72 5.48
N LYS A 245 -15.92 -3.64 5.72
CA LYS A 245 -17.33 -3.38 5.47
C LYS A 245 -17.92 -2.53 6.61
N ALA A 246 -17.43 -2.76 7.82
CA ALA A 246 -17.90 -2.00 8.98
C ALA A 246 -17.41 -0.55 8.85
N MET A 247 -16.13 -0.40 8.52
CA MET A 247 -15.51 0.90 8.34
C MET A 247 -16.26 1.67 7.26
N ASP A 248 -16.48 1.03 6.12
CA ASP A 248 -17.17 1.69 5.03
C ASP A 248 -18.52 2.16 5.52
N LYS A 249 -19.17 1.32 6.31
CA LYS A 249 -20.46 1.65 6.90
C LYS A 249 -20.34 2.96 7.68
N ALA A 250 -19.30 3.04 8.51
CA ALA A 250 -19.05 4.21 9.35
C ALA A 250 -18.47 5.42 8.62
N GLY A 251 -18.30 5.32 7.31
CA GLY A 251 -17.74 6.42 6.56
C GLY A 251 -16.23 6.62 6.76
N GLN A 252 -15.52 5.53 7.06
CA GLN A 252 -14.07 5.60 7.26
C GLN A 252 -13.26 5.36 5.98
N LEU A 253 -13.90 4.86 4.93
CA LEU A 253 -13.24 4.58 3.65
C LEU A 253 -13.57 5.63 2.61
N VAL A 254 -12.54 6.14 1.94
CA VAL A 254 -12.71 7.15 0.90
C VAL A 254 -12.06 6.63 -0.39
N PHE A 255 -12.80 6.69 -1.49
CA PHE A 255 -12.30 6.24 -2.79
C PHE A 255 -12.07 7.41 -3.75
N LEU A 256 -10.82 7.82 -3.90
CA LEU A 256 -10.46 8.92 -4.81
C LEU A 256 -9.89 8.40 -6.13
N ALA A 257 -10.18 9.12 -7.20
CA ALA A 257 -9.69 8.74 -8.52
C ALA A 257 -9.38 9.97 -9.36
N LEU A 258 -8.39 9.85 -10.24
CA LEU A 258 -8.01 10.95 -11.10
C LEU A 258 -7.25 10.49 -12.32
N GLU A 259 -7.55 11.15 -13.45
CA GLU A 259 -6.93 10.85 -14.73
C GLU A 259 -5.41 10.95 -14.64
N GLY A 260 -4.74 9.94 -15.18
CA GLY A 260 -3.30 9.91 -15.17
C GLY A 260 -2.70 8.53 -15.08
N ASP A 261 -1.44 8.43 -15.43
CA ASP A 261 -0.68 7.20 -15.36
C ASP A 261 -0.21 7.05 -13.93
N HIS A 262 0.52 5.98 -13.57
CA HIS A 262 0.95 5.80 -12.20
C HIS A 262 1.64 7.01 -11.60
N LEU A 263 1.24 7.34 -10.39
CA LEU A 263 1.82 8.46 -9.65
C LEU A 263 1.91 9.78 -10.43
N GLN A 264 0.92 10.06 -11.25
CA GLN A 264 0.89 11.30 -12.02
C GLN A 264 -0.12 12.26 -11.41
N LEU A 265 0.36 13.20 -10.61
CA LEU A 265 -0.52 14.16 -9.97
C LEU A 265 0.11 15.55 -9.91
N SER A 266 -0.73 16.56 -10.12
CA SER A 266 -0.29 17.95 -10.12
C SER A 266 -0.17 18.52 -8.71
N GLU A 267 0.54 19.63 -8.56
CA GLU A 267 0.74 20.23 -7.26
C GLU A 267 -0.66 20.73 -6.84
N GLU A 268 -1.52 20.99 -7.83
CA GLU A 268 -2.87 21.48 -7.58
C GLU A 268 -3.76 20.41 -6.96
N TRP A 269 -3.92 19.30 -7.67
CA TRP A 269 -4.75 18.18 -7.21
C TRP A 269 -4.33 17.78 -5.79
N PHE A 270 -3.03 17.69 -5.57
CA PHE A 270 -2.50 17.33 -4.27
C PHE A 270 -3.00 18.30 -3.20
N TYR A 271 -3.07 19.58 -3.57
CA TYR A 271 -3.52 20.63 -2.66
C TYR A 271 -5.03 20.57 -2.43
N ALA A 272 -5.75 20.14 -3.45
CA ALA A 272 -7.21 20.09 -3.39
C ALA A 272 -7.84 18.79 -2.89
N HIS A 273 -7.06 17.72 -2.74
CA HIS A 273 -7.65 16.46 -2.31
C HIS A 273 -6.89 15.67 -1.25
N ILE A 274 -5.60 15.93 -1.09
CA ILE A 274 -4.79 15.20 -0.11
C ILE A 274 -4.48 16.00 1.14
N ILE A 275 -4.01 17.23 0.95
CA ILE A 275 -3.71 18.12 2.07
C ILE A 275 -4.85 18.15 3.11
N PRO A 276 -6.11 18.09 2.66
CA PRO A 276 -7.23 18.12 3.59
C PRO A 276 -7.07 17.08 4.68
N PHE A 277 -7.00 15.82 4.27
CA PHE A 277 -6.86 14.68 5.17
C PHE A 277 -5.65 14.79 6.07
N LEU A 278 -4.80 15.80 5.86
CA LEU A 278 -3.59 15.94 6.67
C LEU A 278 -3.64 17.14 7.61
N GLU A 279 -4.43 18.15 7.25
CA GLU A 279 -4.53 19.35 8.07
C GLU A 279 -5.41 19.18 9.30
C1 NAG B . -7.10 7.30 -19.42
C2 NAG B . -8.23 8.15 -20.04
C3 NAG B . -9.59 7.63 -19.62
C4 NAG B . -9.66 6.16 -20.06
C5 NAG B . -8.52 5.37 -19.40
C6 NAG B . -8.51 3.90 -19.78
C7 NAG B . -6.89 10.10 -20.10
C8 NAG B . -6.00 10.84 -19.24
N2 NAG B . -8.06 9.56 -19.72
O3 NAG B . -10.61 8.39 -20.25
O4 NAG B . -10.94 5.54 -19.79
O5 NAG B . -7.24 5.93 -19.79
O6 NAG B . -8.09 3.08 -18.69
O7 NAG B . -6.41 9.92 -21.16
C1 NAG B . -11.82 6.11 -18.89
C2 NAG B . -13.06 6.64 -19.66
C3 NAG B . -14.19 5.59 -19.72
C4 NAG B . -13.62 4.16 -19.76
C5 NAG B . -12.73 3.88 -18.54
C6 NAG B . -11.55 2.97 -18.88
C7 NAG B . -14.21 8.75 -19.82
C8 NAG B . -13.54 10.11 -20.04
N2 NAG B . -13.56 7.87 -19.06
O3 NAG B . -15.00 5.83 -20.86
O4 NAG B . -14.68 3.21 -19.80
O5 NAG B . -12.21 5.10 -17.94
O6 NAG B . -10.49 3.15 -17.95
O7 NAG B . -15.29 8.51 -20.35
C1 NAG C . -1.60 -25.49 0.86
C2 NAG C . -1.73 -26.68 -0.11
C3 NAG C . -2.04 -27.97 0.65
C4 NAG C . -3.39 -27.84 1.38
C5 NAG C . -3.54 -26.43 1.98
C6 NAG C . -4.14 -26.52 3.38
C7 NAG C . -2.48 -26.30 -2.38
C8 NAG C . -3.32 -27.12 -3.35
N2 NAG C . -2.77 -26.39 -1.08
O3 NAG C . -1.03 -28.25 1.60
O4 NAG C . -4.44 -28.11 0.47
O5 NAG C . -2.26 -25.77 2.12
O6 NAG C . -3.44 -27.48 4.17
O7 NAG C . -1.58 -25.57 -2.80
C1 NAG D . -2.08 -11.72 14.49
C2 NAG D . -1.85 -12.95 15.41
C3 NAG D . -0.58 -12.85 16.28
C4 NAG D . 0.61 -12.30 15.50
C5 NAG D . 0.22 -11.02 14.76
C6 NAG D . 1.36 -10.45 13.94
C7 NAG D . -3.49 -12.09 16.99
C8 NAG D . -5.01 -11.99 17.14
N2 NAG D . -3.00 -13.13 16.30
O3 NAG D . -0.25 -14.14 16.78
O4 NAG D . 1.69 -12.03 16.39
O5 NAG D . -0.86 -11.31 13.84
O6 NAG D . 1.88 -11.39 13.01
O7 NAG D . -2.77 -11.22 17.49
C1 HDS E . 4.34 -0.28 -7.33
C2 HDS E . 4.52 -1.68 -7.79
C3 HDS E . 3.58 -1.78 -9.00
C4 HDS E . 3.57 -3.20 -9.65
C5 HDS E . 4.91 -3.33 -10.41
C6 HDS E . 5.69 -4.52 -9.97
C7 HDS E . 5.69 -5.63 -11.06
C8 HDS E . 6.51 -6.79 -10.45
C9 HDS E . 6.79 -7.89 -11.54
C10 HDS E . 7.56 -8.96 -10.85
C11 HDS E . 6.76 -10.05 -10.13
C12 HDS E . 7.84 -10.91 -9.58
C13 HDS E . 7.88 -12.37 -10.01
C14 HDS E . 9.19 -12.97 -9.56
C15 HDS E . 9.33 -14.47 -9.97
C16 HDS E . 10.73 -14.78 -10.02
S1 HDS E . 5.15 0.90 -6.98
O1S HDS E . 6.12 0.60 -5.62
O2S HDS E . 6.42 1.56 -8.12
#